data_3WE9
#
_entry.id   3WE9
#
_cell.length_a   43.966
_cell.length_b   77.576
_cell.length_c   91.378
_cell.angle_alpha   90.00
_cell.angle_beta   90.00
_cell.angle_gamma   90.00
#
_symmetry.space_group_name_H-M   'P 21 21 21'
#
loop_
_entity.id
_entity.type
_entity.pdbx_description
1 polymer 'Putative phytoene/squalene synthase YisP'
2 non-polymer 'TRIETHYLENE GLYCOL'
3 water water
#
_entity_poly.entity_id   1
_entity_poly.type   'polypeptide(L)'
_entity_poly.pdbx_seq_one_letter_code
;MIHRSEKMKEIKEAYQQCGQIVGEYAPACFKALSYLPLKQRQASWAVLSFCHTAASADEKVLPAFEAKADHVYQRTNNGK
QHLWKAFDHAYRTFTLESEPFREFIAAQKEDAKPYDDLDELLMYAYRTGGAAGLMLLPILTRRKQDQLKQAAVSLGLAIQ
LVRFLSDLGTDQQKNRIPRQVMQQFGYTEADLQKGTVNKAFTMTWEYIAFEAEAYLEECQDALPLFPQYSQKTVKAALHL
HRAVLEKIRAKQHDVFQYHFALTETEVKQILSDI
;
_entity_poly.pdbx_strand_id   A
#
loop_
_chem_comp.id
_chem_comp.type
_chem_comp.name
_chem_comp.formula
PGE non-polymer 'TRIETHYLENE GLYCOL' 'C6 H14 O4'
#
# COMPACT_ATOMS: atom_id res chain seq x y z
N ILE A 2 -36.91 -0.45 -6.09
CA ILE A 2 -36.89 -0.82 -4.63
C ILE A 2 -36.92 0.43 -3.75
N HIS A 3 -37.77 0.38 -2.73
CA HIS A 3 -37.87 1.48 -1.80
C HIS A 3 -36.74 1.28 -0.79
N ARG A 4 -35.62 1.96 -1.02
CA ARG A 4 -34.48 1.84 -0.12
C ARG A 4 -34.63 2.86 0.99
N SER A 5 -34.14 2.52 2.18
CA SER A 5 -34.21 3.43 3.32
C SER A 5 -33.28 4.59 3.02
N GLU A 6 -33.59 5.77 3.57
CA GLU A 6 -32.74 6.93 3.34
C GLU A 6 -31.33 6.61 3.80
N LYS A 7 -31.23 5.88 4.91
CA LYS A 7 -29.94 5.50 5.46
C LYS A 7 -29.09 4.72 4.45
N MET A 8 -29.71 3.76 3.78
CA MET A 8 -28.98 2.97 2.78
C MET A 8 -28.61 3.85 1.61
N LYS A 9 -29.49 4.78 1.26
CA LYS A 9 -29.21 5.69 0.16
C LYS A 9 -27.96 6.49 0.50
N GLU A 10 -27.87 6.92 1.75
CA GLU A 10 -26.72 7.70 2.21
C GLU A 10 -25.47 6.84 2.22
N ILE A 11 -25.62 5.57 2.55
CA ILE A 11 -24.49 4.64 2.57
C ILE A 11 -23.93 4.45 1.16
N LYS A 12 -24.81 4.31 0.18
CA LYS A 12 -24.39 4.12 -1.20
C LYS A 12 -23.67 5.37 -1.71
N GLU A 13 -24.14 6.53 -1.29
CA GLU A 13 -23.52 7.79 -1.68
C GLU A 13 -22.11 7.84 -1.10
N ALA A 14 -22.01 7.54 0.20
CA ALA A 14 -20.73 7.54 0.89
C ALA A 14 -19.74 6.57 0.26
N TYR A 15 -20.22 5.40 -0.19
CA TYR A 15 -19.34 4.42 -0.83
C TYR A 15 -18.77 4.97 -2.13
N GLN A 16 -19.63 5.53 -2.97
CA GLN A 16 -19.20 6.10 -4.24
C GLN A 16 -18.12 7.15 -4.02
N GLN A 17 -18.29 7.94 -2.98
CA GLN A 17 -17.31 8.97 -2.68
C GLN A 17 -16.03 8.31 -2.20
N CYS A 18 -16.14 7.17 -1.52
CA CYS A 18 -14.96 6.46 -1.07
C CYS A 18 -14.20 6.01 -2.32
N GLY A 19 -14.94 5.62 -3.34
CA GLY A 19 -14.34 5.17 -4.59
C GLY A 19 -13.66 6.29 -5.37
N GLN A 20 -14.24 7.49 -5.31
CA GLN A 20 -13.69 8.66 -5.99
C GLN A 20 -12.33 8.96 -5.38
N ILE A 21 -12.28 8.93 -4.05
CA ILE A 21 -11.07 9.18 -3.28
C ILE A 21 -9.95 8.22 -3.64
N VAL A 22 -10.19 6.92 -3.45
CA VAL A 22 -9.19 5.92 -3.75
C VAL A 22 -8.77 6.01 -5.21
N GLY A 23 -9.73 6.24 -6.09
CA GLY A 23 -9.43 6.34 -7.50
C GLY A 23 -8.51 7.50 -7.80
N GLU A 24 -8.58 8.54 -6.96
CA GLU A 24 -7.76 9.72 -7.15
C GLU A 24 -6.38 9.62 -6.52
N TYR A 25 -6.31 9.11 -5.30
CA TYR A 25 -5.05 8.99 -4.58
C TYR A 25 -4.33 7.65 -4.68
N ALA A 26 -4.91 6.69 -5.39
CA ALA A 26 -4.29 5.37 -5.54
C ALA A 26 -4.87 4.67 -6.77
N PRO A 27 -4.70 5.29 -7.95
CA PRO A 27 -5.20 4.75 -9.22
C PRO A 27 -4.86 3.28 -9.45
N ALA A 28 -3.63 2.91 -9.12
CA ALA A 28 -3.17 1.53 -9.30
C ALA A 28 -3.96 0.56 -8.42
N CYS A 29 -4.01 0.84 -7.12
CA CYS A 29 -4.74 -0.01 -6.19
C CYS A 29 -6.22 -0.05 -6.56
N PHE A 30 -6.77 1.11 -6.90
CA PHE A 30 -8.17 1.22 -7.29
C PHE A 30 -8.42 0.28 -8.45
N LYS A 31 -7.47 0.26 -9.37
CA LYS A 31 -7.58 -0.61 -10.54
C LYS A 31 -7.55 -2.07 -10.13
N ALA A 32 -6.66 -2.41 -9.19
CA ALA A 32 -6.55 -3.79 -8.72
C ALA A 32 -7.84 -4.22 -8.01
N LEU A 33 -8.41 -3.31 -7.23
CA LEU A 33 -9.64 -3.58 -6.50
C LEU A 33 -10.88 -3.71 -7.40
N SER A 34 -10.81 -3.13 -8.59
CA SER A 34 -11.94 -3.17 -9.51
C SER A 34 -12.36 -4.58 -9.88
N TYR A 35 -11.45 -5.55 -9.72
CA TYR A 35 -11.74 -6.94 -10.06
C TYR A 35 -12.58 -7.67 -9.01
N LEU A 36 -12.76 -7.06 -7.85
CA LEU A 36 -13.56 -7.67 -6.80
C LEU A 36 -15.06 -7.48 -7.09
N PRO A 37 -15.91 -8.38 -6.57
CA PRO A 37 -17.35 -8.24 -6.78
C PRO A 37 -17.73 -6.92 -6.12
N LEU A 38 -18.81 -6.30 -6.58
CA LEU A 38 -19.24 -5.00 -6.06
C LEU A 38 -19.22 -4.85 -4.55
N LYS A 39 -19.87 -5.75 -3.84
CA LYS A 39 -19.92 -5.67 -2.37
C LYS A 39 -18.53 -5.58 -1.76
N GLN A 40 -17.64 -6.48 -2.15
CA GLN A 40 -16.28 -6.47 -1.64
C GLN A 40 -15.50 -5.22 -2.11
N ARG A 41 -15.68 -4.87 -3.37
CA ARG A 41 -15.01 -3.71 -3.98
C ARG A 41 -15.29 -2.43 -3.18
N GLN A 42 -16.57 -2.16 -2.97
CA GLN A 42 -16.97 -0.96 -2.24
C GLN A 42 -16.45 -0.99 -0.81
N ALA A 43 -16.46 -2.17 -0.20
CA ALA A 43 -15.96 -2.31 1.16
C ALA A 43 -14.47 -1.93 1.18
N SER A 44 -13.74 -2.38 0.16
CA SER A 44 -12.31 -2.07 0.06
C SER A 44 -12.11 -0.57 -0.08
N TRP A 45 -12.96 0.09 -0.86
CA TRP A 45 -12.84 1.52 -1.04
C TRP A 45 -12.96 2.20 0.32
N ALA A 46 -13.94 1.76 1.10
CA ALA A 46 -14.16 2.33 2.43
C ALA A 46 -12.93 2.17 3.31
N VAL A 47 -12.36 0.97 3.33
CA VAL A 47 -11.18 0.71 4.13
C VAL A 47 -9.99 1.59 3.72
N LEU A 48 -9.70 1.65 2.43
CA LEU A 48 -8.59 2.47 1.97
C LEU A 48 -8.86 3.97 2.07
N SER A 49 -10.12 4.36 1.95
CA SER A 49 -10.48 5.77 2.09
C SER A 49 -10.16 6.16 3.53
N PHE A 50 -10.50 5.27 4.46
CA PHE A 50 -10.24 5.47 5.88
C PHE A 50 -8.74 5.69 6.06
N CYS A 51 -7.94 4.81 5.45
CA CYS A 51 -6.50 4.91 5.54
C CYS A 51 -5.99 6.26 5.02
N HIS A 52 -6.44 6.64 3.84
CA HIS A 52 -6.03 7.92 3.25
C HIS A 52 -6.41 9.06 4.17
N THR A 53 -7.66 9.08 4.61
CA THR A 53 -8.16 10.13 5.50
C THR A 53 -7.31 10.26 6.76
N ALA A 54 -7.06 9.13 7.41
CA ALA A 54 -6.26 9.12 8.62
C ALA A 54 -4.82 9.54 8.37
N ALA A 55 -4.33 9.27 7.15
CA ALA A 55 -2.97 9.62 6.78
C ALA A 55 -2.82 11.10 6.45
N SER A 56 -3.93 11.82 6.52
CA SER A 56 -3.94 13.25 6.25
C SER A 56 -4.98 13.95 7.13
N HIS A 82 -20.41 10.95 8.33
CA HIS A 82 -19.99 11.39 7.00
C HIS A 82 -19.67 10.17 6.14
N LEU A 83 -18.38 9.90 5.98
CA LEU A 83 -17.91 8.76 5.21
C LEU A 83 -18.00 7.52 6.09
N TRP A 84 -18.22 7.76 7.37
CA TRP A 84 -18.33 6.69 8.36
C TRP A 84 -19.51 5.76 8.11
N LYS A 85 -20.54 6.29 7.47
CA LYS A 85 -21.74 5.50 7.18
C LYS A 85 -21.35 4.28 6.35
N ALA A 86 -20.57 4.50 5.31
CA ALA A 86 -20.12 3.42 4.43
C ALA A 86 -19.13 2.53 5.16
N PHE A 87 -18.31 3.12 6.03
CA PHE A 87 -17.33 2.35 6.78
C PHE A 87 -18.00 1.41 7.78
N ASP A 88 -19.04 1.90 8.46
CA ASP A 88 -19.74 1.06 9.42
C ASP A 88 -20.44 -0.07 8.68
N HIS A 89 -20.97 0.23 7.49
CA HIS A 89 -21.64 -0.78 6.70
C HIS A 89 -20.66 -1.89 6.35
N ALA A 90 -19.49 -1.50 5.85
CA ALA A 90 -18.45 -2.46 5.47
C ALA A 90 -18.03 -3.28 6.68
N TYR A 91 -17.89 -2.61 7.81
CA TYR A 91 -17.48 -3.24 9.06
C TYR A 91 -18.46 -4.34 9.47
N ARG A 92 -19.75 -4.03 9.40
CA ARG A 92 -20.79 -4.98 9.78
C ARG A 92 -21.02 -6.07 8.74
N THR A 93 -20.80 -5.73 7.49
CA THR A 93 -21.01 -6.67 6.40
C THR A 93 -19.94 -7.75 6.34
N PHE A 94 -18.68 -7.37 6.56
CA PHE A 94 -17.56 -8.31 6.48
C PHE A 94 -16.93 -8.70 7.81
N THR A 95 -17.56 -8.28 8.91
CA THR A 95 -17.06 -8.58 10.25
C THR A 95 -15.57 -8.23 10.34
N LEU A 96 -15.25 -6.97 10.07
CA LEU A 96 -13.87 -6.50 10.11
C LEU A 96 -13.38 -6.38 11.55
N GLU A 97 -12.06 -6.40 11.73
CA GLU A 97 -11.46 -6.31 13.06
C GLU A 97 -10.99 -4.89 13.37
N SER A 98 -11.21 -4.46 14.62
CA SER A 98 -10.84 -3.12 15.05
C SER A 98 -9.34 -2.87 15.26
N GLU A 99 -8.63 -3.88 15.72
CA GLU A 99 -7.19 -3.75 16.00
C GLU A 99 -6.33 -3.09 14.90
N PRO A 100 -6.31 -3.67 13.69
CA PRO A 100 -5.51 -3.05 12.63
C PRO A 100 -5.83 -1.58 12.35
N PHE A 101 -7.09 -1.21 12.52
CA PHE A 101 -7.51 0.17 12.29
C PHE A 101 -6.89 1.06 13.37
N ARG A 102 -6.86 0.56 14.60
CA ARG A 102 -6.28 1.31 15.71
C ARG A 102 -4.79 1.45 15.44
N GLU A 103 -4.16 0.31 15.14
CA GLU A 103 -2.74 0.25 14.85
C GLU A 103 -2.34 1.33 13.85
N PHE A 104 -3.09 1.38 12.74
CA PHE A 104 -2.82 2.35 11.68
C PHE A 104 -2.89 3.78 12.20
N ILE A 105 -3.93 4.09 12.95
CA ILE A 105 -4.10 5.43 13.51
C ILE A 105 -2.91 5.83 14.38
N ALA A 106 -2.52 4.96 15.30
CA ALA A 106 -1.40 5.22 16.20
C ALA A 106 -0.12 5.51 15.41
N ALA A 107 0.08 4.77 14.32
CA ALA A 107 1.28 4.92 13.50
C ALA A 107 1.38 6.25 12.75
N GLN A 108 0.29 7.00 12.71
CA GLN A 108 0.32 8.29 12.03
C GLN A 108 0.96 9.36 12.91
N LYS A 109 0.98 9.14 14.23
CA LYS A 109 1.65 10.11 15.11
C LYS A 109 3.10 9.83 14.70
N GLU A 110 3.86 10.86 14.32
CA GLU A 110 5.20 10.60 13.85
C GLU A 110 6.42 10.79 14.72
N ASP A 111 7.50 11.09 13.98
CA ASP A 111 8.82 11.29 14.51
C ASP A 111 9.55 12.07 13.44
N ALA A 112 10.07 13.24 13.81
CA ALA A 112 10.78 14.07 12.85
C ALA A 112 12.24 13.63 12.76
N LYS A 113 12.58 12.55 13.46
CA LYS A 113 13.94 12.03 13.45
C LYS A 113 14.10 10.92 12.43
N PRO A 114 15.26 10.88 11.78
CA PRO A 114 15.57 9.86 10.76
C PRO A 114 15.55 8.46 11.36
N TYR A 115 15.19 7.48 10.54
CA TYR A 115 15.16 6.10 10.99
C TYR A 115 16.60 5.62 11.05
N ASP A 116 16.91 4.78 12.03
CA ASP A 116 18.28 4.29 12.19
C ASP A 116 18.49 2.92 11.58
N ASP A 117 17.72 1.95 12.06
CA ASP A 117 17.78 0.56 11.61
C ASP A 117 16.81 0.31 10.47
N LEU A 118 17.09 -0.72 9.69
CA LEU A 118 16.20 -1.11 8.62
C LEU A 118 14.93 -1.59 9.33
N ASP A 119 15.10 -2.25 10.47
CA ASP A 119 13.98 -2.76 11.25
C ASP A 119 12.97 -1.66 11.57
N GLU A 120 13.46 -0.45 11.80
CA GLU A 120 12.58 0.66 12.11
C GLU A 120 11.67 0.99 10.91
N LEU A 121 12.25 0.96 9.70
CA LEU A 121 11.46 1.22 8.49
C LEU A 121 10.45 0.09 8.29
N LEU A 122 10.90 -1.15 8.49
CA LEU A 122 10.04 -2.33 8.31
C LEU A 122 8.89 -2.33 9.31
N MET A 123 9.19 -1.95 10.55
CA MET A 123 8.18 -1.90 11.60
C MET A 123 7.14 -0.87 11.22
N TYR A 124 7.60 0.22 10.62
CA TYR A 124 6.68 1.27 10.21
C TYR A 124 5.78 0.82 9.07
N ALA A 125 6.35 0.13 8.08
CA ALA A 125 5.58 -0.35 6.95
C ALA A 125 4.58 -1.40 7.46
N TYR A 126 5.01 -2.13 8.49
CA TYR A 126 4.17 -3.16 9.10
C TYR A 126 2.94 -2.56 9.77
N ARG A 127 3.15 -1.50 10.55
CA ARG A 127 2.07 -0.85 11.28
C ARG A 127 1.09 -0.08 10.41
N THR A 128 1.50 0.24 9.17
CA THR A 128 0.63 0.98 8.27
C THR A 128 0.15 0.09 7.12
N GLY A 129 1.03 -0.20 6.17
CA GLY A 129 0.65 -1.06 5.06
C GLY A 129 0.25 -2.46 5.52
N GLY A 130 1.02 -3.04 6.43
CA GLY A 130 0.70 -4.37 6.92
C GLY A 130 -0.65 -4.40 7.61
N ALA A 131 -0.93 -3.33 8.36
CA ALA A 131 -2.20 -3.19 9.06
C ALA A 131 -3.32 -3.10 8.05
N ALA A 132 -3.09 -2.33 6.98
CA ALA A 132 -4.11 -2.18 5.94
C ALA A 132 -4.40 -3.55 5.33
N GLY A 133 -3.35 -4.35 5.17
CA GLY A 133 -3.52 -5.68 4.62
C GLY A 133 -4.43 -6.51 5.51
N LEU A 134 -4.23 -6.40 6.82
CA LEU A 134 -5.06 -7.14 7.77
C LEU A 134 -6.48 -6.58 7.75
N MET A 135 -6.62 -5.27 7.58
CA MET A 135 -7.94 -4.63 7.52
C MET A 135 -8.76 -5.28 6.41
N LEU A 136 -8.11 -5.47 5.27
CA LEU A 136 -8.74 -6.03 4.08
C LEU A 136 -8.94 -7.54 4.04
N LEU A 137 -8.21 -8.28 4.86
CA LEU A 137 -8.28 -9.74 4.85
C LEU A 137 -9.69 -10.34 4.80
N PRO A 138 -10.58 -9.91 5.70
CA PRO A 138 -11.95 -10.45 5.70
C PRO A 138 -12.72 -10.18 4.41
N ILE A 139 -12.29 -9.15 3.68
CA ILE A 139 -12.94 -8.79 2.43
C ILE A 139 -12.40 -9.67 1.29
N LEU A 140 -11.10 -9.96 1.36
CA LEU A 140 -10.44 -10.76 0.33
C LEU A 140 -10.77 -12.25 0.43
N THR A 141 -11.07 -12.72 1.64
CA THR A 141 -11.38 -14.14 1.80
C THR A 141 -12.30 -14.44 2.97
N ARG A 142 -13.27 -15.30 2.71
CA ARG A 142 -14.23 -15.71 3.71
C ARG A 142 -13.84 -16.99 4.45
N ARG A 143 -13.08 -17.86 3.79
CA ARG A 143 -12.68 -19.12 4.41
C ARG A 143 -11.23 -19.19 4.94
N LYS A 144 -10.30 -19.56 4.07
CA LYS A 144 -8.88 -19.70 4.43
C LYS A 144 -8.21 -18.42 4.92
N GLN A 145 -8.80 -17.76 5.91
CA GLN A 145 -8.22 -16.53 6.43
C GLN A 145 -6.92 -16.79 7.19
N ASP A 146 -6.90 -17.86 7.98
CA ASP A 146 -5.71 -18.22 8.75
C ASP A 146 -4.52 -18.49 7.82
N GLN A 147 -4.80 -19.15 6.70
CA GLN A 147 -3.77 -19.49 5.73
C GLN A 147 -3.30 -18.31 4.86
N LEU A 148 -4.12 -17.26 4.77
CA LEU A 148 -3.79 -16.10 3.94
C LEU A 148 -3.44 -14.82 4.69
N LYS A 149 -3.52 -14.86 6.02
CA LYS A 149 -3.22 -13.70 6.85
C LYS A 149 -1.81 -13.16 6.60
N GLN A 150 -0.83 -14.07 6.64
CA GLN A 150 0.56 -13.70 6.42
C GLN A 150 0.75 -13.04 5.05
N ALA A 151 0.09 -13.60 4.05
CA ALA A 151 0.18 -13.07 2.68
C ALA A 151 -0.43 -11.68 2.56
N ALA A 152 -1.54 -11.45 3.25
CA ALA A 152 -2.22 -10.15 3.21
C ALA A 152 -1.34 -9.08 3.87
N VAL A 153 -0.80 -9.39 5.04
CA VAL A 153 0.04 -8.46 5.75
C VAL A 153 1.30 -8.17 4.94
N SER A 154 1.90 -9.21 4.39
CA SER A 154 3.11 -9.05 3.58
C SER A 154 2.84 -8.18 2.36
N LEU A 155 1.68 -8.34 1.74
CA LEU A 155 1.33 -7.54 0.56
C LEU A 155 1.22 -6.07 0.94
N GLY A 156 0.46 -5.78 1.99
CA GLY A 156 0.30 -4.40 2.42
C GLY A 156 1.61 -3.77 2.84
N LEU A 157 2.42 -4.54 3.55
CA LEU A 157 3.73 -4.10 4.01
C LEU A 157 4.59 -3.75 2.79
N ALA A 158 4.66 -4.68 1.84
CA ALA A 158 5.45 -4.48 0.62
C ALA A 158 4.99 -3.25 -0.16
N ILE A 159 3.68 -3.08 -0.28
CA ILE A 159 3.12 -1.94 -1.02
C ILE A 159 3.55 -0.62 -0.37
N GLN A 160 3.58 -0.59 0.96
CA GLN A 160 4.00 0.62 1.66
C GLN A 160 5.49 0.87 1.36
N LEU A 161 6.28 -0.19 1.36
CA LEU A 161 7.71 -0.05 1.06
C LEU A 161 7.89 0.47 -0.35
N VAL A 162 7.07 -0.02 -1.27
CA VAL A 162 7.19 0.45 -2.66
C VAL A 162 6.85 1.93 -2.75
N ARG A 163 5.78 2.33 -2.07
CA ARG A 163 5.39 3.73 -2.07
C ARG A 163 6.53 4.58 -1.51
N PHE A 164 7.13 4.11 -0.43
CA PHE A 164 8.22 4.83 0.21
C PHE A 164 9.39 5.02 -0.78
N LEU A 165 9.71 3.95 -1.50
CA LEU A 165 10.81 3.97 -2.47
C LEU A 165 10.53 4.75 -3.76
N SER A 166 9.26 5.10 -3.98
CA SER A 166 8.84 5.82 -5.19
C SER A 166 8.92 7.34 -5.14
N ASP A 167 9.20 7.90 -3.96
CA ASP A 167 9.21 9.36 -3.85
C ASP A 167 9.94 9.80 -2.59
N LEU A 168 11.10 10.42 -2.78
CA LEU A 168 11.91 10.91 -1.68
C LEU A 168 12.10 12.43 -1.79
N GLY A 169 11.07 13.10 -2.30
CA GLY A 169 11.13 14.54 -2.48
C GLY A 169 11.17 15.44 -1.25
N THR A 170 10.52 15.03 -0.17
CA THR A 170 10.48 15.84 1.05
C THR A 170 11.38 15.30 2.17
N ASP A 171 11.61 16.12 3.20
CA ASP A 171 12.44 15.69 4.32
C ASP A 171 11.77 14.58 5.09
N GLN A 172 10.45 14.60 5.14
CA GLN A 172 9.69 13.57 5.84
C GLN A 172 9.93 12.20 5.18
N GLN A 173 9.99 12.20 3.86
CA GLN A 173 10.21 10.96 3.13
C GLN A 173 11.69 10.54 3.25
N LYS A 174 12.59 11.53 3.15
CA LYS A 174 14.02 11.26 3.28
C LYS A 174 14.35 10.71 4.67
N ASN A 175 13.58 11.12 5.67
CA ASN A 175 13.78 10.67 7.04
C ASN A 175 13.57 9.18 7.24
N ARG A 176 12.80 8.56 6.34
CA ARG A 176 12.54 7.12 6.48
C ARG A 176 13.67 6.24 5.96
N ILE A 177 14.65 6.83 5.28
CA ILE A 177 15.79 6.06 4.78
C ILE A 177 16.66 5.69 6.01
N PRO A 178 16.86 4.38 6.25
CA PRO A 178 17.65 3.90 7.38
C PRO A 178 19.11 4.34 7.35
N ARG A 179 19.51 5.12 8.37
CA ARG A 179 20.87 5.62 8.44
C ARG A 179 21.91 4.50 8.51
N GLN A 180 21.55 3.36 9.09
CA GLN A 180 22.48 2.24 9.17
C GLN A 180 22.68 1.62 7.79
N VAL A 181 21.65 1.67 6.95
CA VAL A 181 21.76 1.12 5.61
C VAL A 181 22.62 2.11 4.80
N MET A 182 22.36 3.40 4.97
CA MET A 182 23.14 4.40 4.27
C MET A 182 24.63 4.22 4.60
N GLN A 183 24.91 4.04 5.88
CA GLN A 183 26.29 3.87 6.35
C GLN A 183 26.97 2.65 5.74
N GLN A 184 26.21 1.60 5.52
CA GLN A 184 26.71 0.36 4.94
C GLN A 184 27.37 0.62 3.58
N PHE A 185 26.73 1.49 2.80
CA PHE A 185 27.18 1.79 1.45
C PHE A 185 27.89 3.13 1.27
N GLY A 186 28.08 3.88 2.34
CA GLY A 186 28.76 5.15 2.25
C GLY A 186 27.94 6.32 1.70
N TYR A 187 26.62 6.26 1.85
CA TYR A 187 25.76 7.34 1.38
C TYR A 187 25.66 8.31 2.54
N THR A 188 26.08 9.56 2.32
CA THR A 188 26.10 10.57 3.37
C THR A 188 24.84 11.39 3.58
N GLU A 189 24.72 11.96 4.78
CA GLU A 189 23.58 12.83 5.10
C GLU A 189 23.61 13.98 4.11
N ALA A 190 24.81 14.44 3.76
CA ALA A 190 24.96 15.54 2.80
C ALA A 190 24.45 15.13 1.43
N ASP A 191 24.79 13.91 1.00
CA ASP A 191 24.33 13.40 -0.29
C ASP A 191 22.81 13.43 -0.29
N LEU A 192 22.23 12.84 0.75
CA LEU A 192 20.78 12.75 0.90
C LEU A 192 20.09 14.12 0.86
N GLN A 193 20.61 15.07 1.60
CA GLN A 193 20.01 16.40 1.63
C GLN A 193 20.02 17.04 0.25
N LYS A 194 21.08 16.77 -0.52
CA LYS A 194 21.21 17.29 -1.87
C LYS A 194 20.40 16.47 -2.88
N GLY A 195 19.95 15.30 -2.45
CA GLY A 195 19.20 14.44 -3.33
C GLY A 195 20.13 13.85 -4.39
N THR A 196 21.36 13.54 -3.98
CA THR A 196 22.33 13.00 -4.91
C THR A 196 22.08 11.52 -5.22
N VAL A 197 21.98 11.21 -6.51
CA VAL A 197 21.77 9.83 -6.92
C VAL A 197 23.09 9.28 -7.44
N ASN A 198 23.83 8.63 -6.55
CA ASN A 198 25.10 8.04 -6.92
C ASN A 198 25.02 6.55 -6.64
N LYS A 199 26.13 5.84 -6.84
CA LYS A 199 26.17 4.40 -6.61
C LYS A 199 25.78 4.06 -5.17
N ALA A 200 26.28 4.85 -4.22
CA ALA A 200 25.97 4.63 -2.81
C ALA A 200 24.46 4.70 -2.59
N PHE A 201 23.80 5.62 -3.27
CA PHE A 201 22.35 5.73 -3.13
C PHE A 201 21.60 4.57 -3.75
N THR A 202 21.98 4.18 -4.96
CA THR A 202 21.29 3.08 -5.62
C THR A 202 21.47 1.77 -4.84
N MET A 203 22.63 1.60 -4.23
CA MET A 203 22.87 0.40 -3.42
C MET A 203 21.96 0.42 -2.19
N THR A 204 21.79 1.61 -1.61
CA THR A 204 20.93 1.79 -0.45
C THR A 204 19.49 1.48 -0.85
N TRP A 205 19.07 2.07 -1.97
CA TRP A 205 17.72 1.89 -2.49
C TRP A 205 17.45 0.42 -2.82
N GLU A 206 18.38 -0.23 -3.51
CA GLU A 206 18.21 -1.62 -3.90
C GLU A 206 18.20 -2.56 -2.68
N TYR A 207 18.94 -2.20 -1.64
CA TYR A 207 18.98 -3.03 -0.44
C TYR A 207 17.59 -3.07 0.19
N ILE A 208 16.90 -1.93 0.19
CA ILE A 208 15.55 -1.84 0.75
C ILE A 208 14.55 -2.46 -0.24
N ALA A 209 14.77 -2.26 -1.54
CA ALA A 209 13.87 -2.82 -2.55
C ALA A 209 13.92 -4.37 -2.49
N PHE A 210 15.08 -4.90 -2.13
CA PHE A 210 15.26 -6.35 -2.01
C PHE A 210 14.26 -6.91 -0.98
N GLU A 211 14.13 -6.22 0.14
CA GLU A 211 13.19 -6.61 1.18
C GLU A 211 11.74 -6.53 0.69
N ALA A 212 11.40 -5.43 0.04
CA ALA A 212 10.05 -5.26 -0.49
C ALA A 212 9.68 -6.43 -1.41
N GLU A 213 10.61 -6.79 -2.29
CA GLU A 213 10.37 -7.88 -3.23
C GLU A 213 10.22 -9.23 -2.53
N ALA A 214 10.92 -9.40 -1.41
CA ALA A 214 10.82 -10.65 -0.65
C ALA A 214 9.38 -10.77 -0.12
N TYR A 215 8.83 -9.66 0.36
CA TYR A 215 7.46 -9.66 0.88
C TYR A 215 6.48 -9.96 -0.27
N LEU A 216 6.71 -9.34 -1.42
CA LEU A 216 5.85 -9.54 -2.59
C LEU A 216 5.84 -11.01 -3.01
N GLU A 217 7.03 -11.59 -3.16
CA GLU A 217 7.18 -12.99 -3.56
C GLU A 217 6.43 -13.91 -2.60
N GLU A 218 6.42 -13.50 -1.33
CA GLU A 218 5.75 -14.24 -0.26
C GLU A 218 4.25 -14.32 -0.53
N CYS A 219 3.68 -13.20 -0.97
CA CYS A 219 2.25 -13.15 -1.26
C CYS A 219 2.00 -13.89 -2.57
N GLN A 220 2.98 -13.81 -3.47
CA GLN A 220 2.90 -14.47 -4.77
C GLN A 220 2.76 -15.97 -4.57
N ASP A 221 3.53 -16.52 -3.63
CA ASP A 221 3.49 -17.94 -3.35
C ASP A 221 2.12 -18.39 -2.81
N ALA A 222 1.42 -17.49 -2.12
CA ALA A 222 0.12 -17.81 -1.56
C ALA A 222 -1.04 -17.40 -2.46
N LEU A 223 -0.73 -16.89 -3.64
CA LEU A 223 -1.74 -16.44 -4.58
C LEU A 223 -2.82 -17.47 -4.93
N PRO A 224 -2.42 -18.74 -5.17
CA PRO A 224 -3.40 -19.78 -5.50
C PRO A 224 -4.39 -20.10 -4.38
N LEU A 225 -4.06 -19.70 -3.16
CA LEU A 225 -4.93 -19.96 -2.01
C LEU A 225 -6.10 -18.98 -1.87
N PHE A 226 -5.98 -17.81 -2.48
CA PHE A 226 -7.05 -16.83 -2.40
C PHE A 226 -8.23 -17.31 -3.23
N PRO A 227 -9.47 -16.97 -2.81
CA PRO A 227 -10.63 -17.41 -3.59
C PRO A 227 -10.59 -16.76 -4.96
N GLN A 228 -11.16 -17.43 -5.96
CA GLN A 228 -11.15 -16.88 -7.32
C GLN A 228 -11.65 -15.44 -7.41
N TYR A 229 -12.66 -15.08 -6.63
CA TYR A 229 -13.19 -13.72 -6.70
C TYR A 229 -12.20 -12.63 -6.30
N SER A 230 -11.13 -12.97 -5.59
CA SER A 230 -10.15 -11.95 -5.19
C SER A 230 -8.72 -12.17 -5.73
N GLN A 231 -8.51 -13.26 -6.46
CA GLN A 231 -7.19 -13.56 -7.01
C GLN A 231 -6.69 -12.54 -8.02
N LYS A 232 -7.56 -12.12 -8.92
CA LYS A 232 -7.17 -11.14 -9.93
C LYS A 232 -6.78 -9.83 -9.26
N THR A 233 -7.43 -9.53 -8.13
CA THR A 233 -7.13 -8.29 -7.39
C THR A 233 -5.74 -8.40 -6.75
N VAL A 234 -5.44 -9.53 -6.15
CA VAL A 234 -4.14 -9.72 -5.51
C VAL A 234 -3.04 -9.79 -6.57
N LYS A 235 -3.30 -10.54 -7.64
CA LYS A 235 -2.36 -10.68 -8.73
C LYS A 235 -2.07 -9.30 -9.35
N ALA A 236 -3.11 -8.50 -9.54
CA ALA A 236 -2.94 -7.17 -10.11
C ALA A 236 -2.05 -6.32 -9.21
N ALA A 237 -2.35 -6.34 -7.90
CA ALA A 237 -1.57 -5.56 -6.94
C ALA A 237 -0.10 -5.96 -6.99
N LEU A 238 0.16 -7.27 -7.05
CA LEU A 238 1.51 -7.79 -7.13
C LEU A 238 2.23 -7.30 -8.38
N HIS A 239 1.60 -7.49 -9.54
CA HIS A 239 2.18 -7.09 -10.82
C HIS A 239 2.43 -5.58 -10.90
N LEU A 240 1.48 -4.79 -10.43
CA LEU A 240 1.58 -3.34 -10.48
C LEU A 240 2.73 -2.78 -9.66
N HIS A 241 2.91 -3.29 -8.44
CA HIS A 241 3.96 -2.80 -7.57
C HIS A 241 5.34 -3.30 -7.96
N ARG A 242 5.40 -4.47 -8.59
CA ARG A 242 6.70 -4.96 -9.06
C ARG A 242 7.07 -4.04 -10.23
N ALA A 243 6.09 -3.72 -11.06
CA ALA A 243 6.31 -2.86 -12.22
C ALA A 243 6.76 -1.47 -11.79
N VAL A 244 6.25 -0.99 -10.66
CA VAL A 244 6.65 0.32 -10.16
C VAL A 244 8.15 0.33 -9.87
N LEU A 245 8.63 -0.71 -9.19
CA LEU A 245 10.05 -0.83 -8.87
C LEU A 245 10.89 -0.90 -10.14
N GLU A 246 10.39 -1.61 -11.14
CA GLU A 246 11.12 -1.73 -12.39
C GLU A 246 11.18 -0.38 -13.12
N LYS A 247 10.09 0.39 -13.06
CA LYS A 247 10.06 1.69 -13.72
C LYS A 247 11.06 2.63 -13.07
N ILE A 248 11.12 2.60 -11.74
CA ILE A 248 12.04 3.45 -11.01
C ILE A 248 13.47 3.12 -11.44
N ARG A 249 13.78 1.84 -11.57
CA ARG A 249 15.10 1.43 -12.00
C ARG A 249 15.37 1.91 -13.42
N ALA A 250 14.35 1.83 -14.26
CA ALA A 250 14.42 2.26 -15.65
C ALA A 250 14.63 3.76 -15.76
N LYS A 251 14.16 4.49 -14.76
CA LYS A 251 14.31 5.93 -14.76
C LYS A 251 15.43 6.41 -13.86
N GLN A 252 16.44 5.56 -13.72
CA GLN A 252 17.64 5.88 -12.96
C GLN A 252 17.47 6.27 -11.50
N HIS A 253 16.50 5.68 -10.81
CA HIS A 253 16.29 5.96 -9.39
C HIS A 253 16.15 7.45 -9.09
N ASP A 254 15.62 8.22 -10.04
CA ASP A 254 15.47 9.66 -9.92
C ASP A 254 14.29 10.05 -9.01
N VAL A 255 14.21 9.41 -7.84
CA VAL A 255 13.10 9.64 -6.91
C VAL A 255 13.19 10.86 -6.02
N PHE A 256 14.30 11.59 -6.07
CA PHE A 256 14.43 12.82 -5.27
C PHE A 256 13.78 13.96 -6.07
N GLN A 257 13.75 13.79 -7.38
CA GLN A 257 13.18 14.79 -8.28
C GLN A 257 11.74 14.55 -8.70
N TYR A 258 11.39 13.29 -8.90
CA TYR A 258 10.04 12.91 -9.32
C TYR A 258 9.42 11.82 -8.46
N HIS A 259 8.10 11.82 -8.40
CA HIS A 259 7.35 10.80 -7.67
C HIS A 259 6.95 9.82 -8.77
N PHE A 260 7.43 8.57 -8.67
CA PHE A 260 7.11 7.57 -9.68
C PHE A 260 5.78 6.87 -9.51
N ALA A 261 5.05 6.75 -10.60
CA ALA A 261 3.76 6.08 -10.61
C ALA A 261 3.51 5.57 -12.03
N LEU A 262 2.73 4.50 -12.15
CA LEU A 262 2.43 3.94 -13.46
C LEU A 262 1.36 4.80 -14.14
N THR A 263 1.50 5.03 -15.44
CA THR A 263 0.53 5.83 -16.17
C THR A 263 -0.65 4.91 -16.50
N GLU A 264 -1.77 5.49 -16.94
CA GLU A 264 -2.93 4.69 -17.28
C GLU A 264 -2.52 3.67 -18.33
N THR A 265 -1.75 4.12 -19.32
CA THR A 265 -1.27 3.25 -20.39
C THR A 265 -0.45 2.11 -19.82
N GLU A 266 0.46 2.44 -18.90
CA GLU A 266 1.31 1.43 -18.29
C GLU A 266 0.51 0.38 -17.50
N VAL A 267 -0.45 0.84 -16.70
CA VAL A 267 -1.26 -0.07 -15.91
C VAL A 267 -1.97 -1.04 -16.85
N LYS A 268 -2.55 -0.50 -17.91
CA LYS A 268 -3.25 -1.29 -18.91
C LYS A 268 -2.37 -2.41 -19.46
N GLN A 269 -1.13 -2.08 -19.83
CA GLN A 269 -0.22 -3.09 -20.36
C GLN A 269 0.09 -4.16 -19.33
N ILE A 270 0.48 -3.71 -18.14
CA ILE A 270 0.81 -4.62 -17.05
C ILE A 270 -0.35 -5.57 -16.81
N LEU A 271 -1.56 -5.02 -16.84
CA LEU A 271 -2.78 -5.79 -16.59
C LEU A 271 -3.37 -6.50 -17.80
N SER A 272 -2.76 -6.33 -18.97
CA SER A 272 -3.26 -7.00 -20.18
C SER A 272 -3.37 -8.48 -19.85
N ASP A 273 -2.62 -8.88 -18.82
CA ASP A 273 -2.54 -10.24 -18.28
C ASP A 273 -1.27 -10.93 -18.72
C1 PGE B . -4.77 -4.44 -2.65
O1 PGE B . -4.71 -3.36 -3.57
C2 PGE B . -4.20 -3.48 -1.66
O2 PGE B . -3.48 -3.16 -0.44
C3 PGE B . -3.11 -3.48 0.89
C4 PGE B . -2.77 -2.03 0.72
O4 PGE B . -1.55 2.47 2.76
C6 PGE B . -1.18 1.21 2.25
C5 PGE B . -1.14 -0.19 1.71
O3 PGE B . -2.27 -0.74 1.11
#